data_5FZ8
#
_entry.id   5FZ8
#
_cell.length_a   142.200
_cell.length_b   142.200
_cell.length_c   152.470
_cell.angle_alpha   90.00
_cell.angle_beta   90.00
_cell.angle_gamma   120.00
#
_symmetry.space_group_name_H-M   'P 65 2 2'
#
loop_
_entity.id
_entity.type
_entity.pdbx_description
1 polymer 'LYSINE-SPECIFIC DEMETHYLASE 5B'
2 non-polymer 'ZINC ION'
3 non-polymer '(2S)-2-hydroxybutanedioic acid'
4 non-polymer 'MANGANESE (II) ION'
5 non-polymer '4-(2-HYDROXYETHYL)-1-PIPERAZINE ETHANESULFONIC ACID'
6 non-polymer 1,2-ETHANEDIOL
7 non-polymer 'CHLORIDE ION'
8 non-polymer 'PHOSPHATE ION'
9 water water
#
_entity_poly.entity_id   1
_entity_poly.type   'polypeptide(L)'
_entity_poly.pdbx_seq_one_letter_code
;SMFLPPPECPVFEPSWEEFADPFAFIHKIRPIAEQTGICKVRPPPDWQPPFACDVDKLHFTPRIQRLNELEAQTRVKLGG
GGARDYTLRTFGEMADAFKSDYFNMPVHMVPTELVEKEFWRLVSTIEEDVTVEYGADIASKEFGSGFPVRDGKIKLSPEE
EEYLDSGWNLNNMPVMEQSVLAHITADICGMKLPWLYVGMCFSSFCWHIEDHWSYSINYLHWGEPKTWYGVPGYAAEQLE
NVMKKLAPELFVSQPDLLHQLVTIMNPNTLMTHEVPVYRTNQCAGEFVITFPRAYHSGFNQGFNFAEAVNFCTVDWLPLG
RQCVEHYRLLHRYCVFSHDEMICKMASKADVLDVVVASTVQKDMAIMIEDEKALRETVRKLGVIDSERMDFELLPDDERQ
CVKCKTTCFMSAISCSCKPGLLVCLHHVKELCSCPPYKYKLRYRYTLDDLYPMMNALKLRAESYNEWALNVNEALEAKI
;
_entity_poly.pdbx_strand_id   A
#
loop_
_chem_comp.id
_chem_comp.type
_chem_comp.name
_chem_comp.formula
CL non-polymer 'CHLORIDE ION' 'Cl -1'
EDO non-polymer 1,2-ETHANEDIOL 'C2 H6 O2'
EPE non-polymer '4-(2-HYDROXYETHYL)-1-PIPERAZINE ETHANESULFONIC ACID' 'C8 H18 N2 O4 S'
LMR non-polymer '(2S)-2-hydroxybutanedioic acid' 'C4 H6 O5'
MN non-polymer 'MANGANESE (II) ION' 'Mn 2'
PO4 non-polymer 'PHOSPHATE ION' 'O4 P -3'
ZN non-polymer 'ZINC ION' 'Zn 2'
#
# COMPACT_ATOMS: atom_id res chain seq x y z
N SER A 1 -5.69 7.14 32.51
CA SER A 1 -7.09 7.50 32.66
C SER A 1 -7.62 7.93 31.31
N MET A 2 -8.69 7.27 30.85
N MET A 2 -8.66 7.21 30.87
CA MET A 2 -9.19 7.47 29.48
CA MET A 2 -9.03 7.15 29.47
C MET A 2 -8.08 7.17 28.47
C MET A 2 -7.77 7.18 28.61
N PHE A 3 -7.58 8.20 27.78
CA PHE A 3 -6.52 8.05 26.76
C PHE A 3 -5.09 8.41 27.16
N LEU A 4 -4.20 7.43 27.07
CA LEU A 4 -2.77 7.66 27.25
C LEU A 4 -2.11 7.63 25.89
N PRO A 5 -1.71 8.81 25.37
CA PRO A 5 -1.14 8.85 24.01
C PRO A 5 0.11 7.97 23.88
N PRO A 6 0.18 7.20 22.78
CA PRO A 6 1.38 6.41 22.48
C PRO A 6 2.61 7.30 22.41
N PRO A 7 3.79 6.73 22.60
CA PRO A 7 5.03 7.49 22.45
C PRO A 7 5.14 8.02 21.02
N GLU A 8 5.86 9.13 20.85
CA GLU A 8 6.03 9.72 19.53
C GLU A 8 6.87 8.84 18.59
N CYS A 9 6.52 8.81 17.31
CA CYS A 9 7.36 8.12 16.33
C CYS A 9 8.58 8.98 16.01
N PRO A 10 9.60 8.40 15.33
CA PRO A 10 10.79 9.17 14.95
C PRO A 10 10.44 10.32 14.01
N VAL A 11 11.13 11.44 14.17
CA VAL A 11 11.00 12.60 13.30
C VAL A 11 12.35 12.98 12.71
N PHE A 12 12.43 13.04 11.40
CA PHE A 12 13.70 13.33 10.74
C PHE A 12 13.62 14.70 10.08
N GLU A 13 14.74 15.42 10.15
CA GLU A 13 14.87 16.70 9.47
C GLU A 13 16.11 16.66 8.58
N PRO A 14 16.00 16.03 7.40
CA PRO A 14 17.16 15.88 6.53
C PRO A 14 17.72 17.21 6.01
N SER A 15 19.04 17.28 5.87
CA SER A 15 19.68 18.39 5.19
C SER A 15 19.33 18.32 3.72
N TRP A 16 19.58 19.41 2.99
N TRP A 16 19.57 19.41 3.00
CA TRP A 16 19.34 19.44 1.55
CA TRP A 16 19.33 19.43 1.56
C TRP A 16 20.12 18.34 0.84
C TRP A 16 20.10 18.30 0.88
N GLU A 17 21.28 17.99 1.39
CA GLU A 17 22.10 16.93 0.85
C GLU A 17 21.42 15.57 1.03
N GLU A 18 20.98 15.28 2.25
CA GLU A 18 20.29 14.01 2.53
C GLU A 18 18.98 13.93 1.75
N PHE A 19 18.32 15.07 1.64
CA PHE A 19 17.00 15.17 1.02
C PHE A 19 17.05 14.99 -0.48
N ALA A 20 18.23 15.18 -1.07
CA ALA A 20 18.37 15.17 -2.53
C ALA A 20 17.86 13.87 -3.13
N ASP A 21 18.15 12.74 -2.46
CA ASP A 21 17.72 11.44 -2.95
C ASP A 21 16.81 10.75 -1.93
N PRO A 22 15.50 10.74 -2.19
CA PRO A 22 14.53 10.15 -1.27
C PRO A 22 14.82 8.67 -0.98
N PHE A 23 15.22 7.91 -1.99
CA PHE A 23 15.42 6.48 -1.75
C PHE A 23 16.66 6.21 -0.92
N ALA A 24 17.73 6.96 -1.17
CA ALA A 24 18.91 6.89 -0.32
C ALA A 24 18.56 7.24 1.13
N PHE A 25 17.78 8.31 1.30
CA PHE A 25 17.38 8.76 2.63
C PHE A 25 16.52 7.72 3.35
N ILE A 26 15.54 7.19 2.65
CA ILE A 26 14.67 6.17 3.22
C ILE A 26 15.50 4.95 3.64
N HIS A 27 16.47 4.57 2.80
CA HIS A 27 17.36 3.47 3.15
C HIS A 27 18.14 3.82 4.42
N LYS A 28 18.57 5.06 4.51
CA LYS A 28 19.35 5.52 5.65
C LYS A 28 18.57 5.40 6.96
N ILE A 29 17.34 5.90 6.98
CA ILE A 29 16.55 5.93 8.21
C ILE A 29 15.90 4.58 8.55
N ARG A 30 15.91 3.66 7.59
CA ARG A 30 15.19 2.40 7.75
C ARG A 30 15.50 1.62 9.04
N PRO A 31 16.78 1.55 9.46
CA PRO A 31 17.04 0.81 10.70
C PRO A 31 16.27 1.36 11.90
N ILE A 32 16.11 2.69 11.96
CA ILE A 32 15.38 3.34 13.03
C ILE A 32 13.87 3.23 12.82
N ALA A 33 13.42 3.61 11.64
CA ALA A 33 11.99 3.77 11.39
C ALA A 33 11.25 2.45 11.27
N GLU A 34 11.93 1.38 10.88
CA GLU A 34 11.23 0.12 10.72
C GLU A 34 10.90 -0.47 12.10
N GLN A 35 11.57 0.03 13.13
CA GLN A 35 11.27 -0.37 14.50
C GLN A 35 9.97 0.27 15.02
N THR A 36 9.49 1.28 14.30
CA THR A 36 8.32 2.02 14.77
C THR A 36 7.19 2.01 13.74
N GLY A 37 7.47 1.47 12.56
CA GLY A 37 6.45 1.31 11.54
C GLY A 37 6.19 2.56 10.72
N ILE A 38 6.03 3.70 11.40
CA ILE A 38 5.88 4.96 10.70
C ILE A 38 6.96 5.93 11.18
N CYS A 39 7.23 6.93 10.37
CA CYS A 39 8.10 8.04 10.79
C CYS A 39 7.66 9.30 10.07
N LYS A 40 8.11 10.44 10.58
CA LYS A 40 7.75 11.72 9.99
C LYS A 40 9.00 12.37 9.40
N VAL A 41 8.84 13.02 8.26
CA VAL A 41 9.97 13.66 7.59
C VAL A 41 9.63 15.10 7.29
N ARG A 42 10.41 16.00 7.88
CA ARG A 42 10.30 17.42 7.63
C ARG A 42 11.32 17.82 6.57
N PRO A 43 10.84 18.28 5.43
CA PRO A 43 11.76 18.72 4.38
C PRO A 43 12.55 19.95 4.82
N PRO A 44 13.68 20.24 4.17
CA PRO A 44 14.40 21.49 4.44
C PRO A 44 13.45 22.68 4.32
N PRO A 45 13.68 23.73 5.13
CA PRO A 45 12.74 24.84 5.29
C PRO A 45 12.32 25.50 3.98
N ASP A 46 13.22 25.52 3.00
CA ASP A 46 12.94 26.21 1.75
C ASP A 46 12.35 25.30 0.66
N TRP A 47 12.32 23.98 0.91
CA TRP A 47 11.60 23.10 -0.01
C TRP A 47 10.12 23.36 0.17
N GLN A 48 9.55 24.14 -0.74
CA GLN A 48 8.16 24.55 -0.61
C GLN A 48 7.43 24.46 -1.93
N PRO A 49 6.93 23.26 -2.24
CA PRO A 49 6.23 23.07 -3.51
C PRO A 49 4.97 23.91 -3.56
N PRO A 50 4.76 24.64 -4.64
CA PRO A 50 3.60 25.55 -4.71
C PRO A 50 2.30 24.77 -4.85
N PHE A 51 1.32 25.10 -4.02
CA PHE A 51 -0.01 24.53 -4.19
C PHE A 51 -0.92 25.61 -4.79
N ALA A 52 -1.62 25.27 -5.86
CA ALA A 52 -2.61 26.18 -6.41
C ALA A 52 -3.71 25.38 -7.08
N CYS A 53 -4.95 25.77 -6.78
CA CYS A 53 -6.12 25.17 -7.39
C CYS A 53 -7.33 26.06 -7.13
N ASP A 54 -8.34 25.91 -7.98
CA ASP A 54 -9.58 26.64 -7.82
C ASP A 54 -10.52 25.84 -6.92
N VAL A 55 -10.83 26.38 -5.76
CA VAL A 55 -11.68 25.65 -4.82
C VAL A 55 -13.11 25.46 -5.31
N ASP A 56 -13.47 26.16 -6.39
CA ASP A 56 -14.84 26.10 -6.90
C ASP A 56 -14.99 25.12 -8.06
N LYS A 57 -13.88 24.81 -8.71
CA LYS A 57 -13.92 23.94 -9.88
C LYS A 57 -13.51 22.51 -9.53
N LEU A 58 -12.91 22.32 -8.36
CA LEU A 58 -12.60 20.96 -7.90
C LEU A 58 -13.83 20.37 -7.18
N HIS A 59 -14.39 19.31 -7.75
CA HIS A 59 -15.58 18.61 -7.25
CA HIS A 59 -15.51 18.66 -7.08
C HIS A 59 -15.19 17.20 -6.82
N PHE A 60 -15.90 16.64 -5.85
CA PHE A 60 -15.72 15.23 -5.51
C PHE A 60 -16.93 14.73 -4.74
N THR A 61 -17.09 13.41 -4.74
CA THR A 61 -18.18 12.79 -4.01
C THR A 61 -17.62 12.23 -2.72
N PRO A 62 -18.16 12.68 -1.59
CA PRO A 62 -17.62 12.33 -0.29
C PRO A 62 -18.10 10.95 0.15
N ARG A 63 -17.32 10.29 0.99
CA ARG A 63 -17.72 9.03 1.61
C ARG A 63 -18.26 9.35 3.00
N ILE A 64 -19.33 8.69 3.42
CA ILE A 64 -19.90 8.91 4.75
C ILE A 64 -19.30 7.92 5.75
N GLN A 65 -19.01 8.39 6.94
CA GLN A 65 -18.29 7.58 7.90
C GLN A 65 -18.95 7.64 9.26
N ARG A 66 -19.36 6.48 9.78
CA ARG A 66 -19.79 6.41 11.16
C ARG A 66 -18.54 6.22 12.02
N LEU A 67 -18.58 6.70 13.25
CA LEU A 67 -17.40 6.67 14.10
C LEU A 67 -17.59 5.78 15.33
N ASN A 68 -17.49 4.46 15.10
CA ASN A 68 -17.73 3.46 16.13
C ASN A 68 -16.57 2.49 16.22
N GLU A 69 -15.91 2.46 17.37
CA GLU A 69 -14.77 1.55 17.56
C GLU A 69 -15.22 0.10 17.33
N LEU A 70 -14.36 -0.66 16.68
CA LEU A 70 -14.55 -2.08 16.39
C LEU A 70 -15.65 -2.40 15.35
N GLU A 71 -16.35 -1.38 14.86
CA GLU A 71 -17.37 -1.59 13.82
C GLU A 71 -16.70 -1.77 12.46
N ALA A 72 -17.24 -2.66 11.64
CA ALA A 72 -16.65 -2.95 10.33
C ALA A 72 -16.88 -1.79 9.36
N GLN A 73 -15.83 -1.45 8.62
CA GLN A 73 -15.93 -0.52 7.50
C GLN A 73 -15.30 -1.17 6.29
N THR A 74 -15.72 -0.77 5.10
CA THR A 74 -15.08 -1.30 3.89
C THR A 74 -13.96 -0.36 3.49
N ARG A 75 -12.89 -0.93 2.93
CA ARG A 75 -11.67 -0.14 2.71
C ARG A 75 -11.80 0.89 1.59
N VAL A 76 -12.37 0.50 0.45
CA VAL A 76 -12.69 1.45 -0.61
C VAL A 76 -13.94 1.04 -1.37
N ASP A 85 -22.33 15.42 -3.64
CA ASP A 85 -21.22 16.10 -4.30
C ASP A 85 -20.85 17.42 -3.61
N TYR A 86 -19.56 17.59 -3.32
CA TYR A 86 -19.05 18.84 -2.75
C TYR A 86 -18.04 19.49 -3.70
N THR A 87 -17.91 20.81 -3.66
CA THR A 87 -16.69 21.41 -4.18
C THR A 87 -15.74 21.47 -2.99
N LEU A 88 -14.47 21.74 -3.26
CA LEU A 88 -13.52 21.90 -2.17
C LEU A 88 -13.99 23.03 -1.25
N ARG A 89 -14.54 24.10 -1.83
CA ARG A 89 -15.05 25.19 -0.99
C ARG A 89 -16.21 24.75 -0.10
N THR A 90 -17.21 24.09 -0.68
CA THR A 90 -18.42 23.74 0.10
C THR A 90 -18.10 22.67 1.14
N PHE A 91 -17.15 21.78 0.83
CA PHE A 91 -16.70 20.81 1.82
C PHE A 91 -15.99 21.52 2.96
N GLY A 92 -15.09 22.44 2.62
CA GLY A 92 -14.38 23.20 3.63
C GLY A 92 -15.34 23.95 4.54
N GLU A 93 -16.38 24.50 3.94
CA GLU A 93 -17.39 25.25 4.70
C GLU A 93 -18.09 24.32 5.70
N MET A 94 -18.50 23.16 5.21
CA MET A 94 -19.13 22.14 6.04
C MET A 94 -18.19 21.70 7.14
N ALA A 95 -16.94 21.44 6.76
CA ALA A 95 -15.94 20.89 7.70
C ALA A 95 -15.64 21.85 8.86
N ASP A 96 -15.43 23.12 8.55
CA ASP A 96 -15.11 24.12 9.56
C ASP A 96 -16.28 24.35 10.53
N ALA A 97 -17.48 24.46 9.99
CA ALA A 97 -18.68 24.64 10.79
C ALA A 97 -18.91 23.43 11.69
N PHE A 98 -18.67 22.24 11.16
CA PHE A 98 -18.81 21.03 11.98
C PHE A 98 -17.91 21.10 13.21
N LYS A 99 -16.63 21.41 13.01
CA LYS A 99 -15.67 21.40 14.09
C LYS A 99 -15.99 22.53 15.04
N SER A 100 -16.32 23.68 14.46
CA SER A 100 -16.63 24.89 15.22
C SER A 100 -17.85 24.65 16.12
N ASP A 101 -18.87 24.01 15.58
CA ASP A 101 -20.09 23.73 16.34
C ASP A 101 -19.89 22.63 17.37
N TYR A 102 -19.02 21.68 17.04
CA TYR A 102 -18.76 20.55 17.91
C TYR A 102 -18.15 20.98 19.23
N PHE A 103 -17.20 21.93 19.18
CA PHE A 103 -16.47 22.31 20.36
C PHE A 103 -16.92 23.67 20.90
N ASN A 104 -17.84 24.30 20.17
CA ASN A 104 -18.23 25.70 20.40
C ASN A 104 -17.00 26.60 20.56
N MET A 105 -16.07 26.45 19.62
CA MET A 105 -14.81 27.19 19.63
C MET A 105 -14.39 27.54 18.20
N PRO A 106 -13.54 28.55 18.03
CA PRO A 106 -12.85 28.70 16.73
C PRO A 106 -11.87 27.54 16.49
N VAL A 107 -11.69 27.09 15.25
CA VAL A 107 -11.00 25.82 14.99
C VAL A 107 -9.51 25.76 15.38
N HIS A 108 -8.82 26.89 15.27
CA HIS A 108 -7.40 26.98 15.62
C HIS A 108 -7.16 27.02 17.09
N MET A 109 -8.25 27.15 17.83
CA MET A 109 -8.13 27.25 19.25
C MET A 109 -8.32 25.87 19.85
N VAL A 110 -8.91 24.94 19.10
CA VAL A 110 -9.10 23.57 19.62
C VAL A 110 -7.77 22.82 19.66
N PRO A 111 -7.26 22.56 20.86
CA PRO A 111 -5.96 21.89 21.07
C PRO A 111 -5.94 20.48 20.45
N THR A 112 -4.83 20.09 19.84
CA THR A 112 -4.78 18.79 19.16
C THR A 112 -4.97 17.64 20.16
N GLU A 113 -4.43 17.80 21.37
N GLU A 113 -4.39 17.83 21.34
CA GLU A 113 -4.59 16.75 22.37
CA GLU A 113 -4.56 16.88 22.45
C GLU A 113 -6.05 16.61 22.79
C GLU A 113 -6.03 16.63 22.73
N LEU A 114 -6.81 17.71 22.74
CA LEU A 114 -8.25 17.63 23.01
C LEU A 114 -8.99 16.89 21.91
N VAL A 115 -8.67 17.20 20.64
CA VAL A 115 -9.34 16.52 19.54
C VAL A 115 -9.06 15.03 19.60
N GLU A 116 -7.82 14.67 19.93
CA GLU A 116 -7.42 13.25 20.04
C GLU A 116 -8.17 12.55 21.16
N LYS A 117 -8.15 13.16 22.33
CA LYS A 117 -8.84 12.60 23.51
C LYS A 117 -10.33 12.43 23.21
N GLU A 118 -10.93 13.42 22.56
CA GLU A 118 -12.35 13.39 22.23
C GLU A 118 -12.69 12.35 21.17
N PHE A 119 -11.78 12.16 20.23
CA PHE A 119 -11.99 11.16 19.19
C PHE A 119 -12.13 9.79 19.83
N TRP A 120 -11.22 9.48 20.75
CA TRP A 120 -11.24 8.14 21.34
C TRP A 120 -12.39 8.00 22.32
N ARG A 121 -12.86 9.11 22.86
CA ARG A 121 -14.09 9.07 23.67
C ARG A 121 -15.29 8.76 22.78
N LEU A 122 -15.45 9.50 21.69
CA LEU A 122 -16.67 9.37 20.90
C LEU A 122 -16.79 8.04 20.16
N VAL A 123 -15.68 7.45 19.71
CA VAL A 123 -15.78 6.19 19.00
C VAL A 123 -16.11 5.02 19.96
N SER A 124 -15.84 5.22 21.24
CA SER A 124 -16.03 4.14 22.22
C SER A 124 -17.37 4.29 22.93
N THR A 125 -18.00 5.45 22.78
CA THR A 125 -19.27 5.72 23.45
C THR A 125 -20.47 5.36 22.57
N ILE A 126 -21.21 4.34 22.99
CA ILE A 126 -22.38 3.83 22.26
C ILE A 126 -23.43 4.91 21.99
N GLU A 127 -23.66 5.78 22.97
CA GLU A 127 -24.74 6.75 22.89
C GLU A 127 -24.45 7.88 21.89
N GLU A 128 -23.18 8.05 21.52
CA GLU A 128 -22.83 9.01 20.48
C GLU A 128 -22.93 8.34 19.12
N ASP A 129 -23.52 9.00 18.14
CA ASP A 129 -23.49 8.49 16.76
C ASP A 129 -23.09 9.61 15.79
N VAL A 130 -21.92 10.17 16.03
CA VAL A 130 -21.30 11.15 15.15
C VAL A 130 -20.98 10.56 13.79
N THR A 131 -21.44 11.20 12.72
CA THR A 131 -21.03 10.81 11.38
C THR A 131 -20.29 11.95 10.69
N VAL A 132 -19.24 11.63 9.96
CA VAL A 132 -18.48 12.64 9.26
C VAL A 132 -18.32 12.20 7.79
N GLU A 133 -17.70 13.07 6.98
CA GLU A 133 -17.52 12.78 5.56
C GLU A 133 -16.08 13.06 5.17
N TYR A 134 -15.66 12.49 4.06
CA TYR A 134 -14.33 12.71 3.58
C TYR A 134 -14.17 12.38 2.10
N GLY A 135 -13.11 12.89 1.49
CA GLY A 135 -12.81 12.56 0.11
C GLY A 135 -11.59 11.67 -0.02
N ALA A 136 -11.70 10.63 -0.84
CA ALA A 136 -10.55 9.80 -1.20
C ALA A 136 -10.67 9.34 -2.64
N ASP A 137 -9.77 9.81 -3.51
CA ASP A 137 -9.83 9.47 -4.92
C ASP A 137 -8.47 9.57 -5.60
N ILE A 138 -8.22 8.73 -6.62
CA ILE A 138 -6.96 8.85 -7.34
C ILE A 138 -6.95 10.13 -8.14
N ALA A 139 -5.76 10.63 -8.43
CA ALA A 139 -5.62 11.80 -9.29
C ALA A 139 -6.30 11.56 -10.63
N SER A 140 -7.10 12.53 -11.06
CA SER A 140 -7.80 12.46 -12.34
C SER A 140 -7.95 13.86 -12.93
N LYS A 141 -8.45 13.94 -14.17
CA LYS A 141 -8.64 15.24 -14.83
C LYS A 141 -9.65 16.10 -14.06
N GLU A 142 -10.58 15.46 -13.36
CA GLU A 142 -11.59 16.17 -12.58
C GLU A 142 -11.04 16.58 -11.20
N PHE A 143 -9.90 16.00 -10.83
CA PHE A 143 -9.26 16.31 -9.55
C PHE A 143 -7.81 15.79 -9.56
N GLY A 144 -6.85 16.69 -9.79
CA GLY A 144 -5.48 16.26 -10.02
C GLY A 144 -4.54 16.36 -8.83
N SER A 145 -3.31 15.92 -9.03
CA SER A 145 -2.28 15.97 -8.01
C SER A 145 -2.10 17.36 -7.38
N GLY A 146 -1.76 17.40 -6.10
CA GLY A 146 -1.42 18.65 -5.46
C GLY A 146 -0.02 19.13 -5.81
N PHE A 147 0.77 18.26 -6.43
CA PHE A 147 2.13 18.63 -6.85
C PHE A 147 2.11 19.09 -8.30
N PRO A 148 3.11 19.89 -8.72
CA PRO A 148 3.24 20.28 -10.13
C PRO A 148 3.40 19.10 -11.07
N VAL A 149 2.65 19.11 -12.16
CA VAL A 149 2.78 18.13 -13.24
C VAL A 149 2.89 18.86 -14.59
N ARG A 150 3.44 18.19 -15.58
CA ARG A 150 3.56 18.79 -16.91
C ARG A 150 2.24 18.78 -17.70
N ASP A 151 1.83 19.96 -18.14
CA ASP A 151 0.66 20.11 -19.01
C ASP A 151 0.79 21.43 -19.79
N ILE A 154 -1.63 24.86 -18.09
CA ILE A 154 -0.72 24.45 -19.15
C ILE A 154 0.70 25.03 -18.99
N LYS A 155 0.88 26.35 -19.15
CA LYS A 155 2.20 26.95 -18.91
C LYS A 155 2.50 27.13 -17.42
N LEU A 156 3.59 26.53 -16.96
CA LEU A 156 3.97 26.54 -15.55
C LEU A 156 4.97 27.64 -15.19
N SER A 157 4.88 28.13 -13.95
CA SER A 157 5.85 29.08 -13.40
C SER A 157 7.17 28.40 -13.10
N PRO A 158 8.29 29.17 -13.10
CA PRO A 158 9.59 28.64 -12.71
C PRO A 158 9.59 27.92 -11.35
N GLU A 159 8.84 28.44 -10.39
CA GLU A 159 8.74 27.78 -9.08
C GLU A 159 8.18 26.36 -9.23
N GLU A 160 7.13 26.21 -10.02
CA GLU A 160 6.53 24.91 -10.27
C GLU A 160 7.51 24.00 -11.01
N GLU A 161 8.33 24.59 -11.87
CA GLU A 161 9.31 23.84 -12.64
C GLU A 161 10.42 23.29 -11.74
N GLU A 162 10.76 24.06 -10.72
CA GLU A 162 11.72 23.60 -9.70
C GLU A 162 11.31 22.24 -9.10
N TYR A 163 10.01 22.04 -8.95
CA TYR A 163 9.51 20.89 -8.20
C TYR A 163 8.96 19.79 -9.10
N LEU A 164 9.06 19.99 -10.41
CA LEU A 164 8.50 19.05 -11.37
C LEU A 164 9.17 17.69 -11.28
N ASP A 165 10.47 17.71 -11.05
CA ASP A 165 11.25 16.50 -11.16
C ASP A 165 11.72 15.99 -9.82
N SER A 166 11.30 16.67 -8.75
CA SER A 166 11.70 16.25 -7.40
C SER A 166 11.31 14.80 -7.14
N GLY A 167 12.20 14.06 -6.49
CA GLY A 167 11.87 12.71 -6.08
C GLY A 167 10.73 12.70 -5.08
N TRP A 168 10.60 13.78 -4.32
CA TRP A 168 9.57 13.90 -3.29
C TRP A 168 8.25 14.43 -3.85
N ASN A 169 8.25 14.85 -5.11
CA ASN A 169 7.01 15.08 -5.82
C ASN A 169 6.38 13.71 -5.98
N LEU A 170 5.23 13.47 -5.35
CA LEU A 170 4.74 12.08 -5.28
C LEU A 170 4.30 11.46 -6.62
N ASN A 171 4.17 12.26 -7.67
CA ASN A 171 3.96 11.68 -8.99
C ASN A 171 5.20 10.98 -9.53
N ASN A 172 6.37 11.50 -9.18
CA ASN A 172 7.63 10.95 -9.64
C ASN A 172 8.10 9.72 -8.87
N MET A 173 7.80 9.70 -7.58
CA MET A 173 8.22 8.61 -6.70
C MET A 173 8.01 7.21 -7.31
N PRO A 174 6.83 6.94 -7.93
CA PRO A 174 6.68 5.59 -8.49
C PRO A 174 7.67 5.23 -9.60
N VAL A 175 8.19 6.20 -10.35
CA VAL A 175 8.92 5.90 -11.58
C VAL A 175 10.41 6.26 -11.56
N MET A 176 11.02 6.20 -10.38
CA MET A 176 12.45 6.46 -10.21
C MET A 176 13.35 5.23 -10.41
N GLU A 177 14.66 5.42 -10.42
CA GLU A 177 15.59 4.34 -10.79
C GLU A 177 15.87 3.38 -9.63
N GLN A 178 15.31 3.64 -8.45
CA GLN A 178 15.47 2.73 -7.32
C GLN A 178 14.14 2.17 -6.84
N SER A 179 13.06 2.51 -7.54
CA SER A 179 11.75 1.94 -7.25
C SER A 179 11.47 0.69 -8.11
N VAL A 180 10.42 -0.06 -7.78
CA VAL A 180 10.20 -1.35 -8.43
C VAL A 180 8.82 -1.43 -9.11
N LEU A 181 7.80 -0.84 -8.50
CA LEU A 181 6.46 -0.82 -9.08
C LEU A 181 6.41 -0.12 -10.45
N ALA A 182 7.44 0.66 -10.75
CA ALA A 182 7.54 1.37 -12.02
C ALA A 182 7.52 0.43 -13.19
N HIS A 183 8.28 -0.64 -13.07
CA HIS A 183 8.54 -1.54 -14.18
C HIS A 183 7.32 -2.38 -14.54
N ILE A 184 6.39 -2.53 -13.62
CA ILE A 184 5.18 -3.28 -13.87
C ILE A 184 4.39 -2.72 -15.06
N THR A 185 4.19 -3.56 -16.07
CA THR A 185 3.42 -3.20 -17.25
C THR A 185 1.94 -3.50 -17.04
N ALA A 186 1.65 -4.47 -16.19
CA ALA A 186 0.27 -4.79 -15.82
C ALA A 186 -0.43 -3.57 -15.19
N ASP A 187 -1.76 -3.54 -15.27
CA ASP A 187 -2.48 -2.42 -14.69
C ASP A 187 -2.58 -2.56 -13.18
N ILE A 188 -2.02 -1.58 -12.49
CA ILE A 188 -2.09 -1.51 -11.03
C ILE A 188 -2.36 -0.06 -10.62
N CYS A 189 -3.24 0.60 -11.37
CA CYS A 189 -3.51 2.04 -11.21
C CYS A 189 -3.87 2.42 -9.78
N GLY A 190 -4.73 1.61 -9.15
CA GLY A 190 -5.14 1.86 -7.77
C GLY A 190 -3.97 1.88 -6.81
N MET A 191 -2.83 1.37 -7.29
CA MET A 191 -1.67 1.17 -6.44
C MET A 191 -0.50 2.11 -6.78
N LYS A 192 -0.36 2.50 -8.04
CA LYS A 192 0.81 3.27 -8.47
C LYS A 192 0.55 4.78 -8.68
N LEU A 193 -0.72 5.16 -8.82
CA LEU A 193 -1.06 6.57 -8.97
C LEU A 193 -1.32 7.18 -7.59
N PRO A 194 -0.94 8.44 -7.39
CA PRO A 194 -1.29 9.08 -6.11
C PRO A 194 -2.78 9.16 -5.85
N TRP A 195 -3.15 9.06 -4.58
CA TRP A 195 -4.51 9.31 -4.13
C TRP A 195 -4.57 10.64 -3.39
N LEU A 196 -5.67 11.37 -3.57
CA LEU A 196 -5.88 12.63 -2.88
C LEU A 196 -6.91 12.44 -1.77
N TYR A 197 -6.66 13.05 -0.62
CA TYR A 197 -7.55 12.91 0.53
C TYR A 197 -7.96 14.27 1.10
N VAL A 198 -9.26 14.58 1.06
CA VAL A 198 -9.76 15.79 1.68
C VAL A 198 -10.34 15.43 3.04
N GLY A 199 -9.72 15.91 4.12
CA GLY A 199 -10.15 15.55 5.48
C GLY A 199 -11.02 16.58 6.17
N MET A 200 -11.72 16.13 7.22
CA MET A 200 -12.39 17.02 8.17
C MET A 200 -12.16 16.46 9.58
N CYS A 201 -12.48 17.26 10.61
CA CYS A 201 -12.31 16.83 11.99
C CYS A 201 -12.94 15.44 12.21
N PHE A 202 -12.16 14.51 12.77
CA PHE A 202 -12.55 13.14 13.11
C PHE A 202 -12.66 12.15 11.92
N SER A 203 -12.58 12.63 10.66
CA SER A 203 -12.62 11.65 9.57
C SER A 203 -11.38 10.78 9.69
N SER A 204 -11.52 9.48 9.47
CA SER A 204 -10.45 8.59 9.91
C SER A 204 -10.11 7.51 8.88
N PHE A 205 -8.91 6.98 9.04
CA PHE A 205 -8.53 5.82 8.28
C PHE A 205 -8.32 4.67 9.25
N CYS A 206 -8.99 3.55 8.98
CA CYS A 206 -8.95 2.38 9.85
C CYS A 206 -7.60 1.70 9.79
N TRP A 207 -7.35 0.81 10.76
CA TRP A 207 -6.12 0.05 10.81
C TRP A 207 -5.96 -0.78 9.53
N HIS A 208 -4.81 -0.67 8.89
CA HIS A 208 -4.55 -1.45 7.68
C HIS A 208 -3.08 -1.50 7.40
N ILE A 209 -2.70 -2.42 6.51
CA ILE A 209 -1.37 -2.41 5.89
C ILE A 209 -1.54 -2.27 4.39
N GLU A 210 -0.48 -1.88 3.70
CA GLU A 210 -0.60 -1.62 2.25
C GLU A 210 -0.64 -2.94 1.49
N ASP A 211 -1.28 -2.92 0.34
CA ASP A 211 -1.29 -4.10 -0.53
C ASP A 211 0.14 -4.52 -0.88
N HIS A 212 0.35 -5.83 -0.91
CA HIS A 212 1.66 -6.42 -1.16
C HIS A 212 2.73 -5.97 -0.17
N TRP A 213 2.27 -5.53 1.01
CA TRP A 213 3.18 -5.03 2.05
C TRP A 213 4.11 -3.94 1.53
N SER A 214 3.62 -3.11 0.63
CA SER A 214 4.46 -2.03 0.12
C SER A 214 4.65 -0.91 1.14
N TYR A 215 5.61 -0.02 0.86
CA TYR A 215 5.70 1.28 1.55
C TYR A 215 4.56 2.17 1.18
N SER A 216 4.33 3.22 1.97
CA SER A 216 3.59 4.34 1.43
C SER A 216 4.22 5.62 2.00
N ILE A 217 3.94 6.71 1.32
CA ILE A 217 4.43 8.01 1.72
C ILE A 217 3.27 8.96 1.50
N ASN A 218 3.03 9.84 2.49
CA ASN A 218 1.86 10.70 2.52
C ASN A 218 2.38 12.12 2.78
N TYR A 219 1.92 13.06 1.98
CA TYR A 219 2.28 14.48 2.14
C TYR A 219 1.04 15.26 2.47
N LEU A 220 1.10 16.03 3.56
CA LEU A 220 -0.01 16.91 3.88
C LEU A 220 0.24 18.26 3.23
N HIS A 221 -0.50 18.55 2.16
CA HIS A 221 -0.28 19.77 1.38
C HIS A 221 -0.61 21.02 2.21
N TRP A 222 -1.76 21.00 2.87
CA TRP A 222 -2.19 22.13 3.69
C TRP A 222 -3.35 21.75 4.62
N GLY A 223 -3.62 22.64 5.59
CA GLY A 223 -4.73 22.46 6.52
C GLY A 223 -4.29 22.00 7.88
N GLU A 224 -5.26 21.58 8.70
CA GLU A 224 -4.96 21.16 10.07
C GLU A 224 -4.33 19.76 10.10
N PRO A 225 -3.71 19.40 11.23
CA PRO A 225 -2.90 18.18 11.17
C PRO A 225 -3.67 16.88 10.96
N LYS A 226 -2.90 15.84 10.63
CA LYS A 226 -3.42 14.47 10.51
C LYS A 226 -2.71 13.68 11.61
N THR A 227 -3.49 13.09 12.51
CA THR A 227 -2.92 12.30 13.59
C THR A 227 -2.76 10.84 13.17
N TRP A 228 -1.57 10.28 13.38
CA TRP A 228 -1.25 8.91 13.00
C TRP A 228 -0.96 8.00 14.17
N TYR A 229 -1.30 6.72 14.03
CA TYR A 229 -0.78 5.68 14.89
C TYR A 229 -0.17 4.61 14.01
N GLY A 230 0.99 4.10 14.40
CA GLY A 230 1.71 3.10 13.62
C GLY A 230 2.29 2.00 14.47
N VAL A 231 2.41 0.82 13.85
CA VAL A 231 2.89 -0.37 14.50
C VAL A 231 4.00 -0.94 13.62
N PRO A 232 5.14 -1.33 14.21
CA PRO A 232 6.21 -1.84 13.35
C PRO A 232 5.84 -3.17 12.67
N GLY A 233 6.39 -3.40 11.48
CA GLY A 233 6.13 -4.61 10.72
C GLY A 233 6.31 -5.90 11.51
N TYR A 234 7.27 -5.92 12.42
CA TYR A 234 7.53 -7.15 13.16
C TYR A 234 6.36 -7.55 14.05
N ALA A 235 5.49 -6.59 14.38
CA ALA A 235 4.38 -6.85 15.29
C ALA A 235 3.05 -7.01 14.57
N ALA A 236 3.09 -7.13 13.23
CA ALA A 236 1.85 -7.23 12.46
C ALA A 236 0.95 -8.39 12.92
N GLU A 237 1.53 -9.57 13.10
CA GLU A 237 0.71 -10.72 13.50
C GLU A 237 0.20 -10.57 14.94
N GLN A 238 0.97 -9.93 15.81
CA GLN A 238 0.49 -9.64 17.16
C GLN A 238 -0.77 -8.81 17.11
N LEU A 239 -0.73 -7.75 16.31
CA LEU A 239 -1.87 -6.85 16.19
C LEU A 239 -3.06 -7.59 15.63
N GLU A 240 -2.83 -8.43 14.62
CA GLU A 240 -3.94 -9.15 14.01
C GLU A 240 -4.60 -10.09 15.01
N ASN A 241 -3.77 -10.73 15.83
CA ASN A 241 -4.28 -11.63 16.86
C ASN A 241 -5.13 -10.88 17.88
N VAL A 242 -4.70 -9.70 18.29
CA VAL A 242 -5.50 -8.90 19.21
C VAL A 242 -6.83 -8.57 18.55
N MET A 243 -6.76 -8.14 17.29
CA MET A 243 -7.96 -7.67 16.64
C MET A 243 -8.95 -8.80 16.33
N LYS A 244 -8.42 -9.98 16.02
CA LYS A 244 -9.29 -11.10 15.70
C LYS A 244 -10.07 -11.57 16.93
N LYS A 245 -9.46 -11.42 18.11
CA LYS A 245 -10.15 -11.76 19.34
C LYS A 245 -11.29 -10.77 19.63
N LEU A 246 -11.02 -9.49 19.41
CA LEU A 246 -12.00 -8.45 19.70
C LEU A 246 -13.02 -8.21 18.60
N ALA A 247 -12.70 -8.59 17.36
CA ALA A 247 -13.59 -8.34 16.24
C ALA A 247 -13.45 -9.39 15.14
N PRO A 248 -13.84 -10.64 15.45
CA PRO A 248 -13.59 -11.78 14.56
C PRO A 248 -14.28 -11.65 13.19
N GLU A 249 -15.37 -10.89 13.14
CA GLU A 249 -16.09 -10.65 11.89
C GLU A 249 -15.16 -10.10 10.79
N LEU A 250 -14.21 -9.27 11.17
CA LEU A 250 -13.29 -8.65 10.21
C LEU A 250 -12.38 -9.66 9.53
N PHE A 251 -12.39 -10.89 10.02
CA PHE A 251 -11.42 -11.86 9.55
C PHE A 251 -12.04 -13.01 8.76
N VAL A 252 -13.35 -12.90 8.51
CA VAL A 252 -14.01 -13.85 7.61
C VAL A 252 -13.47 -13.67 6.18
N SER A 253 -13.51 -14.74 5.40
CA SER A 253 -12.98 -14.70 4.03
C SER A 253 -13.74 -13.68 3.19
N GLN A 254 -13.03 -12.98 2.32
CA GLN A 254 -13.65 -11.96 1.49
C GLN A 254 -13.53 -12.31 0.01
N PRO A 255 -14.61 -12.06 -0.75
CA PRO A 255 -14.75 -12.48 -2.16
C PRO A 255 -13.88 -11.70 -3.14
N ASP A 256 -13.34 -10.56 -2.73
CA ASP A 256 -12.42 -9.78 -3.58
C ASP A 256 -11.68 -8.69 -2.81
N LEU A 257 -10.93 -7.89 -3.55
CA LEU A 257 -10.15 -6.81 -2.95
C LEU A 257 -11.05 -5.64 -2.57
N LEU A 258 -12.22 -5.57 -3.21
CA LEU A 258 -13.17 -4.50 -2.95
C LEU A 258 -14.04 -4.80 -1.74
N HIS A 259 -13.62 -5.76 -0.92
CA HIS A 259 -14.42 -6.19 0.20
C HIS A 259 -13.61 -6.38 1.48
N GLN A 260 -12.40 -5.83 1.50
CA GLN A 260 -11.57 -5.89 2.70
C GLN A 260 -12.24 -5.15 3.85
N LEU A 261 -12.38 -5.81 4.99
CA LEU A 261 -13.03 -5.20 6.15
C LEU A 261 -11.99 -4.64 7.11
N VAL A 262 -12.20 -3.40 7.55
CA VAL A 262 -11.25 -2.76 8.46
C VAL A 262 -12.00 -2.02 9.57
N THR A 263 -11.28 -1.62 10.62
CA THR A 263 -11.92 -0.98 11.75
C THR A 263 -11.09 0.03 12.53
N ILE A 264 -11.81 0.87 13.29
CA ILE A 264 -11.23 1.78 14.26
C ILE A 264 -10.95 1.01 15.55
N MET A 265 -9.74 1.15 16.07
CA MET A 265 -9.44 0.53 17.37
C MET A 265 -8.43 1.34 18.18
N ASN A 266 -8.78 1.58 19.45
CA ASN A 266 -7.93 2.37 20.34
C ASN A 266 -6.51 1.82 20.46
N PRO A 267 -5.50 2.65 20.21
CA PRO A 267 -4.10 2.23 20.41
C PRO A 267 -3.83 1.73 21.83
N ASN A 268 -4.55 2.25 22.83
CA ASN A 268 -4.33 1.79 24.20
C ASN A 268 -4.71 0.30 24.36
N THR A 269 -5.68 -0.15 23.58
CA THR A 269 -6.06 -1.56 23.57
C THR A 269 -4.89 -2.40 23.09
N LEU A 270 -4.24 -1.97 22.01
CA LEU A 270 -3.04 -2.65 21.53
C LEU A 270 -1.91 -2.62 22.55
N MET A 271 -1.69 -1.45 23.13
CA MET A 271 -0.64 -1.27 24.12
C MET A 271 -0.86 -2.15 25.37
N THR A 272 -2.12 -2.32 25.75
CA THR A 272 -2.47 -3.21 26.87
C THR A 272 -2.07 -4.65 26.56
N HIS A 273 -2.13 -5.00 25.27
CA HIS A 273 -1.76 -6.34 24.83
C HIS A 273 -0.32 -6.41 24.34
N GLU A 274 0.50 -5.45 24.78
CA GLU A 274 1.94 -5.44 24.51
C GLU A 274 2.30 -5.35 23.02
N VAL A 275 1.37 -4.82 22.22
CA VAL A 275 1.68 -4.40 20.85
C VAL A 275 2.24 -2.98 20.85
N PRO A 276 3.49 -2.81 20.38
CA PRO A 276 4.09 -1.47 20.34
C PRO A 276 3.39 -0.57 19.34
N VAL A 277 3.02 0.63 19.78
CA VAL A 277 2.31 1.61 18.98
C VAL A 277 2.97 2.97 19.12
N TYR A 278 3.13 3.70 18.01
CA TYR A 278 3.71 5.03 18.03
C TYR A 278 2.71 6.01 17.42
N ARG A 279 2.84 7.30 17.78
CA ARG A 279 1.92 8.31 17.25
C ARG A 279 2.70 9.47 16.63
N THR A 280 1.99 10.29 15.88
CA THR A 280 2.51 11.58 15.46
C THR A 280 1.39 12.46 14.95
N ASN A 281 1.57 13.78 15.08
CA ASN A 281 0.74 14.76 14.38
C ASN A 281 1.50 15.22 13.16
N GLN A 282 1.01 14.84 11.99
CA GLN A 282 1.60 15.30 10.74
C GLN A 282 0.99 16.65 10.41
N CYS A 283 1.83 17.68 10.33
CA CYS A 283 1.34 19.01 9.98
C CYS A 283 1.60 19.34 8.52
N ALA A 284 0.95 20.41 8.05
CA ALA A 284 1.08 20.86 6.66
C ALA A 284 2.56 20.98 6.28
N GLY A 285 2.91 20.46 5.11
CA GLY A 285 4.30 20.46 4.65
C GLY A 285 5.17 19.32 5.15
N GLU A 286 4.58 18.36 5.86
CA GLU A 286 5.36 17.26 6.37
C GLU A 286 4.94 15.93 5.71
N PHE A 287 5.91 15.04 5.61
CA PHE A 287 5.69 13.69 5.11
C PHE A 287 5.57 12.69 6.22
N VAL A 288 4.70 11.69 6.02
CA VAL A 288 4.76 10.49 6.82
C VAL A 288 5.09 9.31 5.89
N ILE A 289 6.00 8.45 6.31
CA ILE A 289 6.37 7.24 5.57
C ILE A 289 5.97 6.02 6.37
N THR A 290 5.29 5.06 5.72
CA THR A 290 4.96 3.81 6.39
C THR A 290 5.83 2.72 5.76
N PHE A 291 6.32 1.80 6.59
CA PHE A 291 7.25 0.77 6.14
C PHE A 291 6.51 -0.56 5.88
N PRO A 292 7.15 -1.52 5.17
CA PRO A 292 6.43 -2.76 4.84
C PRO A 292 5.78 -3.48 6.01
N ARG A 293 4.50 -3.81 5.83
CA ARG A 293 3.65 -4.54 6.78
C ARG A 293 3.47 -3.76 8.09
N ALA A 294 3.68 -2.45 8.06
CA ALA A 294 3.46 -1.63 9.25
C ALA A 294 2.00 -1.18 9.31
N TYR A 295 1.29 -1.67 10.33
CA TYR A 295 -0.08 -1.28 10.51
C TYR A 295 -0.18 0.20 10.88
N HIS A 296 -1.13 0.90 10.29
CA HIS A 296 -1.37 2.29 10.68
C HIS A 296 -2.82 2.68 10.60
N SER A 297 -3.18 3.72 11.37
CA SER A 297 -4.52 4.26 11.38
C SER A 297 -4.40 5.71 11.85
N GLY A 298 -5.48 6.45 11.76
CA GLY A 298 -5.46 7.81 12.27
C GLY A 298 -6.73 8.57 11.97
N PHE A 299 -6.68 9.88 12.16
CA PHE A 299 -7.86 10.70 11.92
C PHE A 299 -7.37 12.12 11.66
N ASN A 300 -8.17 12.91 10.97
CA ASN A 300 -7.80 14.30 10.76
C ASN A 300 -8.28 15.22 11.87
N GLN A 301 -7.49 16.25 12.15
CA GLN A 301 -7.82 17.22 13.19
C GLN A 301 -8.79 18.30 12.70
N GLY A 302 -8.95 18.41 11.39
CA GLY A 302 -9.76 19.45 10.81
C GLY A 302 -9.67 19.40 9.29
N PHE A 303 -10.20 20.42 8.62
CA PHE A 303 -10.21 20.51 7.16
C PHE A 303 -8.78 20.47 6.62
N ASN A 304 -8.47 19.51 5.76
CA ASN A 304 -7.13 19.41 5.20
C ASN A 304 -7.09 18.66 3.87
N PHE A 305 -5.89 18.57 3.29
CA PHE A 305 -5.74 18.06 1.94
C PHE A 305 -4.41 17.35 1.86
N ALA A 306 -4.46 16.06 1.62
CA ALA A 306 -3.25 15.24 1.60
C ALA A 306 -3.18 14.44 0.31
N GLU A 307 -2.00 13.89 0.06
CA GLU A 307 -1.73 13.12 -1.14
C GLU A 307 -0.78 12.02 -0.78
N ALA A 308 -1.07 10.81 -1.25
CA ALA A 308 -0.28 9.68 -0.86
C ALA A 308 -0.11 8.70 -2.03
N VAL A 309 0.97 7.93 -1.98
CA VAL A 309 1.24 6.92 -3.01
C VAL A 309 2.01 5.75 -2.41
N ASN A 310 1.79 4.55 -2.97
CA ASN A 310 2.56 3.38 -2.59
C ASN A 310 3.85 3.30 -3.37
N PHE A 311 4.86 2.66 -2.81
CA PHE A 311 6.08 2.39 -3.56
C PHE A 311 6.83 1.20 -2.97
N CYS A 312 7.72 0.63 -3.78
CA CYS A 312 8.50 -0.51 -3.37
C CYS A 312 9.96 -0.32 -3.71
N THR A 313 10.81 -0.46 -2.70
CA THR A 313 12.26 -0.37 -2.85
C THR A 313 12.81 -1.76 -3.14
N VAL A 314 14.12 -1.88 -3.35
CA VAL A 314 14.76 -3.20 -3.50
C VAL A 314 14.83 -3.93 -2.17
N ASP A 315 14.87 -3.18 -1.07
CA ASP A 315 14.79 -3.74 0.27
C ASP A 315 13.52 -4.59 0.42
N TRP A 316 12.49 -4.21 -0.32
CA TRP A 316 11.16 -4.77 -0.15
C TRP A 316 10.98 -6.10 -0.91
N LEU A 317 11.79 -6.34 -1.94
CA LEU A 317 11.55 -7.49 -2.84
C LEU A 317 11.32 -8.81 -2.10
N PRO A 318 12.22 -9.19 -1.16
CA PRO A 318 11.95 -10.45 -0.44
C PRO A 318 10.66 -10.44 0.35
N LEU A 319 10.28 -9.28 0.88
CA LEU A 319 9.02 -9.16 1.62
C LEU A 319 7.85 -9.29 0.68
N GLY A 320 7.98 -8.71 -0.51
CA GLY A 320 6.96 -8.87 -1.54
C GLY A 320 6.66 -10.34 -1.83
N ARG A 321 7.72 -11.13 -1.96
CA ARG A 321 7.57 -12.57 -2.21
C ARG A 321 6.87 -13.25 -1.01
N GLN A 322 7.29 -12.88 0.19
N GLN A 322 7.29 -12.90 0.20
CA GLN A 322 6.68 -13.45 1.39
CA GLN A 322 6.65 -13.46 1.40
C GLN A 322 5.21 -13.03 1.53
C GLN A 322 5.18 -13.05 1.48
N CYS A 323 4.88 -11.82 1.11
CA CYS A 323 3.50 -11.36 1.17
C CYS A 323 2.59 -12.20 0.26
N VAL A 324 3.04 -12.51 -0.95
CA VAL A 324 2.21 -13.28 -1.86
C VAL A 324 2.02 -14.71 -1.31
N GLU A 325 3.05 -15.23 -0.67
CA GLU A 325 2.95 -16.52 -0.01
C GLU A 325 1.87 -16.45 1.07
N HIS A 326 1.91 -15.36 1.83
CA HIS A 326 0.92 -15.14 2.89
C HIS A 326 -0.48 -15.00 2.33
N TYR A 327 -0.63 -14.27 1.21
CA TYR A 327 -1.93 -14.16 0.55
C TYR A 327 -2.48 -15.53 0.16
N ARG A 328 -1.58 -16.38 -0.32
CA ARG A 328 -1.97 -17.74 -0.74
C ARG A 328 -2.54 -18.49 0.45
N LEU A 329 -1.83 -18.44 1.57
CA LEU A 329 -2.27 -19.13 2.79
C LEU A 329 -3.64 -18.61 3.26
N LEU A 330 -3.93 -17.34 2.97
CA LEU A 330 -5.20 -16.75 3.37
C LEU A 330 -6.27 -16.73 2.28
N HIS A 331 -5.94 -17.20 1.09
CA HIS A 331 -6.85 -17.12 -0.06
C HIS A 331 -7.23 -15.68 -0.41
N ARG A 332 -6.27 -14.77 -0.27
CA ARG A 332 -6.47 -13.36 -0.61
C ARG A 332 -6.07 -13.09 -2.06
N TYR A 333 -6.84 -12.27 -2.77
CA TYR A 333 -6.48 -11.90 -4.13
C TYR A 333 -5.23 -11.01 -4.16
N CYS A 334 -4.46 -11.14 -5.24
CA CYS A 334 -3.24 -10.34 -5.46
C CYS A 334 -3.60 -9.12 -6.29
N VAL A 335 -2.86 -8.02 -6.13
CA VAL A 335 -3.06 -6.90 -7.02
C VAL A 335 -2.31 -7.15 -8.33
N PHE A 336 -1.16 -7.81 -8.23
CA PHE A 336 -0.38 -8.20 -9.41
C PHE A 336 0.39 -9.48 -9.12
N SER A 337 0.96 -10.08 -10.16
CA SER A 337 1.86 -11.22 -9.96
C SER A 337 3.27 -10.75 -9.65
N HIS A 338 3.78 -11.10 -8.47
CA HIS A 338 5.15 -10.76 -8.09
C HIS A 338 6.17 -11.41 -9.05
N ASP A 339 5.97 -12.68 -9.36
CA ASP A 339 6.87 -13.38 -10.32
C ASP A 339 6.87 -12.72 -11.71
N GLU A 340 5.70 -12.27 -12.16
CA GLU A 340 5.60 -11.61 -13.45
C GLU A 340 6.42 -10.32 -13.42
N MET A 341 6.37 -9.61 -12.30
CA MET A 341 7.16 -8.38 -12.16
C MET A 341 8.67 -8.68 -12.19
N ILE A 342 9.09 -9.70 -11.44
CA ILE A 342 10.49 -10.14 -11.44
C ILE A 342 10.96 -10.48 -12.87
N CYS A 343 10.16 -11.25 -13.61
CA CYS A 343 10.56 -11.68 -14.95
C CYS A 343 10.57 -10.51 -15.94
N LYS A 344 9.64 -9.57 -15.75
CA LYS A 344 9.63 -8.37 -16.57
C LYS A 344 10.94 -7.62 -16.38
N MET A 345 11.37 -7.48 -15.13
CA MET A 345 12.62 -6.77 -14.86
C MET A 345 13.82 -7.54 -15.43
N ALA A 346 13.85 -8.85 -15.23
CA ALA A 346 14.90 -9.67 -15.84
C ALA A 346 14.98 -9.44 -17.36
N SER A 347 13.83 -9.31 -18.00
CA SER A 347 13.80 -9.15 -19.45
C SER A 347 14.31 -7.77 -19.87
N LYS A 348 14.51 -6.88 -18.89
CA LYS A 348 15.03 -5.53 -19.11
C LYS A 348 16.34 -5.35 -18.34
N ALA A 349 17.07 -6.43 -18.13
CA ALA A 349 18.25 -6.41 -17.27
C ALA A 349 19.26 -5.33 -17.69
N ASP A 350 19.43 -5.13 -19.00
CA ASP A 350 20.45 -4.20 -19.49
C ASP A 350 20.19 -2.73 -19.12
N VAL A 351 18.94 -2.35 -18.89
CA VAL A 351 18.66 -0.95 -18.57
C VAL A 351 18.36 -0.75 -17.08
N LEU A 352 18.42 -1.84 -16.32
CA LEU A 352 18.20 -1.76 -14.88
C LEU A 352 19.36 -1.09 -14.17
N ASP A 353 19.05 -0.37 -13.10
CA ASP A 353 20.05 0.11 -12.16
C ASP A 353 20.78 -1.11 -11.62
N VAL A 354 22.06 -0.97 -11.29
CA VAL A 354 22.88 -2.13 -10.97
C VAL A 354 22.57 -2.77 -9.62
N VAL A 355 22.16 -1.98 -8.64
CA VAL A 355 21.83 -2.56 -7.33
C VAL A 355 20.46 -3.24 -7.43
N VAL A 356 19.58 -2.64 -8.22
CA VAL A 356 18.30 -3.24 -8.54
C VAL A 356 18.53 -4.61 -9.19
N ALA A 357 19.36 -4.63 -10.24
CA ALA A 357 19.68 -5.86 -10.96
C ALA A 357 20.18 -6.95 -10.02
N SER A 358 21.10 -6.58 -9.12
CA SER A 358 21.64 -7.52 -8.15
C SER A 358 20.58 -8.07 -7.20
N THR A 359 19.64 -7.22 -6.79
CA THR A 359 18.62 -7.63 -5.83
C THR A 359 17.56 -8.48 -6.51
N VAL A 360 17.17 -8.11 -7.73
CA VAL A 360 16.22 -8.93 -8.50
C VAL A 360 16.80 -10.32 -8.77
N GLN A 361 18.10 -10.37 -9.08
CA GLN A 361 18.76 -11.64 -9.31
C GLN A 361 18.60 -12.59 -8.13
N LYS A 362 18.76 -12.07 -6.92
CA LYS A 362 18.63 -12.88 -5.72
C LYS A 362 17.20 -13.42 -5.55
N ASP A 363 16.19 -12.58 -5.79
CA ASP A 363 14.80 -13.02 -5.66
C ASP A 363 14.48 -14.05 -6.75
N MET A 364 14.97 -13.78 -7.96
CA MET A 364 14.76 -14.68 -9.09
C MET A 364 15.35 -16.05 -8.79
N ALA A 365 16.49 -16.07 -8.12
CA ALA A 365 17.12 -17.34 -7.80
C ALA A 365 16.22 -18.18 -6.88
N ILE A 366 15.55 -17.53 -5.93
CA ILE A 366 14.63 -18.22 -5.05
C ILE A 366 13.42 -18.72 -5.83
N MET A 367 12.88 -17.84 -6.67
CA MET A 367 11.75 -18.15 -7.52
C MET A 367 12.02 -19.41 -8.33
N ILE A 368 13.20 -19.44 -8.95
CA ILE A 368 13.52 -20.53 -9.86
C ILE A 368 13.67 -21.85 -9.07
N GLU A 369 14.36 -21.79 -7.94
CA GLU A 369 14.53 -23.00 -7.14
C GLU A 369 13.21 -23.51 -6.56
N ASP A 370 12.32 -22.60 -6.14
CA ASP A 370 10.98 -23.01 -5.71
C ASP A 370 10.19 -23.63 -6.84
N GLU A 371 10.30 -23.04 -8.03
CA GLU A 371 9.52 -23.48 -9.18
C GLU A 371 9.98 -24.88 -9.59
N LYS A 372 11.28 -25.10 -9.51
CA LYS A 372 11.85 -26.40 -9.83
C LYS A 372 11.26 -27.50 -8.94
N ALA A 373 11.21 -27.24 -7.64
CA ALA A 373 10.68 -28.20 -6.67
C ALA A 373 9.19 -28.47 -6.89
N LEU A 374 8.43 -27.43 -7.22
CA LEU A 374 6.99 -27.57 -7.45
C LEU A 374 6.73 -28.40 -8.70
N ARG A 375 7.53 -28.20 -9.74
CA ARG A 375 7.31 -28.94 -10.97
C ARG A 375 7.65 -30.42 -10.77
N GLU A 376 8.68 -30.69 -10.00
CA GLU A 376 9.04 -32.07 -9.68
C GLU A 376 7.90 -32.75 -8.93
N THR A 377 7.32 -32.03 -7.98
CA THR A 377 6.21 -32.57 -7.20
C THR A 377 4.99 -32.88 -8.07
N VAL A 378 4.64 -32.00 -9.00
CA VAL A 378 3.43 -32.25 -9.76
C VAL A 378 3.67 -33.39 -10.77
N ARG A 379 4.90 -33.51 -11.28
CA ARG A 379 5.25 -34.61 -12.18
C ARG A 379 5.06 -35.96 -11.44
N LYS A 380 5.45 -35.99 -10.18
CA LYS A 380 5.32 -37.22 -9.39
C LYS A 380 3.86 -37.53 -9.06
N LEU A 381 3.00 -36.52 -9.17
CA LEU A 381 1.57 -36.72 -8.98
C LEU A 381 0.91 -37.31 -10.24
N GLY A 382 1.65 -37.32 -11.34
CA GLY A 382 1.17 -37.96 -12.55
C GLY A 382 0.73 -37.00 -13.63
N VAL A 383 1.00 -35.72 -13.45
CA VAL A 383 0.80 -34.75 -14.53
C VAL A 383 1.97 -34.87 -15.49
N ILE A 384 1.67 -35.25 -16.72
CA ILE A 384 2.73 -35.49 -17.70
C ILE A 384 2.71 -34.50 -18.86
N ASP A 385 1.53 -34.27 -19.41
N ASP A 385 1.54 -34.29 -19.44
CA ASP A 385 1.41 -33.36 -20.53
CA ASP A 385 1.41 -33.36 -20.56
C ASP A 385 1.71 -31.93 -20.08
C ASP A 385 1.72 -31.94 -20.09
N SER A 386 2.32 -31.15 -20.97
CA SER A 386 2.60 -29.75 -20.67
C SER A 386 2.53 -28.90 -21.93
N GLU A 387 2.29 -27.59 -21.78
CA GLU A 387 2.27 -26.67 -22.91
C GLU A 387 2.64 -25.29 -22.39
N ARG A 388 3.49 -24.58 -23.13
CA ARG A 388 3.86 -23.21 -22.75
C ARG A 388 2.61 -22.33 -22.82
N MET A 389 2.53 -21.35 -21.94
CA MET A 389 1.38 -20.44 -21.92
C MET A 389 1.81 -19.05 -21.51
N ASP A 390 1.41 -18.05 -22.28
CA ASP A 390 1.75 -16.65 -21.94
C ASP A 390 0.76 -16.06 -20.93
N PHE A 391 0.92 -16.45 -19.67
CA PHE A 391 0.02 -16.03 -18.58
C PHE A 391 -0.24 -14.53 -18.57
N GLU A 392 0.78 -13.72 -18.89
CA GLU A 392 0.63 -12.27 -18.76
C GLU A 392 -0.43 -11.67 -19.68
N LEU A 393 -0.84 -12.44 -20.70
CA LEU A 393 -1.88 -12.00 -21.63
C LEU A 393 -3.29 -12.22 -21.08
N LEU A 394 -3.43 -13.12 -20.12
CA LEU A 394 -4.74 -13.39 -19.54
C LEU A 394 -5.13 -12.30 -18.57
N PRO A 395 -6.38 -11.83 -18.66
CA PRO A 395 -6.93 -10.99 -17.60
C PRO A 395 -6.74 -11.68 -16.26
N ASP A 396 -6.52 -10.92 -15.19
CA ASP A 396 -6.31 -11.50 -13.87
C ASP A 396 -7.39 -12.50 -13.47
N ASP A 397 -8.64 -12.18 -13.77
CA ASP A 397 -9.73 -13.04 -13.31
C ASP A 397 -9.81 -14.32 -14.12
N GLU A 398 -8.94 -14.44 -15.14
CA GLU A 398 -8.86 -15.69 -15.87
C GLU A 398 -7.58 -16.48 -15.53
N ARG A 399 -6.79 -16.02 -14.57
CA ARG A 399 -5.65 -16.83 -14.16
C ARG A 399 -5.45 -16.86 -12.64
N GLN A 400 -6.56 -16.85 -11.91
CA GLN A 400 -6.48 -17.06 -10.46
C GLN A 400 -6.70 -18.53 -10.10
N CYS A 401 -5.88 -19.02 -9.18
CA CYS A 401 -6.04 -20.39 -8.69
C CYS A 401 -7.44 -20.56 -8.09
N VAL A 402 -8.14 -21.63 -8.49
CA VAL A 402 -9.49 -21.90 -8.01
C VAL A 402 -9.55 -21.94 -6.47
N LYS A 403 -8.51 -22.49 -5.88
CA LYS A 403 -8.44 -22.71 -4.44
C LYS A 403 -7.97 -21.49 -3.66
N CYS A 404 -6.77 -20.99 -3.99
CA CYS A 404 -6.13 -19.98 -3.14
C CYS A 404 -6.15 -18.57 -3.74
N LYS A 405 -6.70 -18.45 -4.94
CA LYS A 405 -6.91 -17.17 -5.63
C LYS A 405 -5.61 -16.46 -6.08
N THR A 406 -4.46 -17.10 -5.91
CA THR A 406 -3.19 -16.42 -6.30
C THR A 406 -3.22 -16.14 -7.81
N THR A 407 -2.55 -15.09 -8.24
CA THR A 407 -2.46 -14.80 -9.66
C THR A 407 -1.34 -15.64 -10.24
N CYS A 408 -1.68 -16.54 -11.15
CA CYS A 408 -0.68 -17.45 -11.70
C CYS A 408 0.19 -16.74 -12.75
N PHE A 409 1.44 -17.15 -12.83
CA PHE A 409 2.32 -16.67 -13.89
C PHE A 409 3.38 -17.71 -14.27
N MET A 410 4.12 -18.21 -13.28
CA MET A 410 5.18 -19.17 -13.58
C MET A 410 4.55 -20.42 -14.17
N SER A 411 3.45 -20.87 -13.58
CA SER A 411 2.83 -22.13 -14.02
C SER A 411 1.48 -22.36 -13.37
N ALA A 412 0.70 -23.26 -13.98
CA ALA A 412 -0.60 -23.66 -13.45
C ALA A 412 -0.97 -25.03 -14.01
N ILE A 413 -2.02 -25.63 -13.45
CA ILE A 413 -2.59 -26.87 -13.96
C ILE A 413 -3.98 -26.63 -14.52
N SER A 414 -4.25 -27.18 -15.70
CA SER A 414 -5.57 -27.11 -16.29
C SER A 414 -6.09 -28.51 -16.58
N CYS A 415 -7.38 -28.62 -16.84
CA CYS A 415 -7.96 -29.88 -17.28
C CYS A 415 -9.06 -29.59 -18.28
N SER A 416 -9.06 -30.33 -19.39
CA SER A 416 -10.06 -30.18 -20.46
C SER A 416 -11.48 -30.30 -19.90
N CYS A 417 -11.61 -31.11 -18.84
CA CYS A 417 -12.83 -31.21 -18.04
C CYS A 417 -13.47 -29.89 -17.58
N LYS A 418 -12.65 -28.94 -17.16
CA LYS A 418 -13.17 -27.65 -16.71
C LYS A 418 -12.50 -26.49 -17.43
N PRO A 419 -12.91 -26.23 -18.68
CA PRO A 419 -12.29 -25.22 -19.54
C PRO A 419 -12.13 -23.89 -18.85
N GLY A 420 -10.94 -23.31 -18.93
CA GLY A 420 -10.69 -21.98 -18.41
C GLY A 420 -10.25 -21.96 -16.95
N LEU A 421 -10.50 -23.04 -16.22
CA LEU A 421 -10.13 -23.08 -14.80
C LEU A 421 -8.66 -23.48 -14.62
N LEU A 422 -8.02 -22.89 -13.62
CA LEU A 422 -6.62 -23.12 -13.31
C LEU A 422 -6.44 -23.30 -11.81
N VAL A 423 -5.48 -24.12 -11.43
CA VAL A 423 -4.98 -24.11 -10.06
C VAL A 423 -3.48 -23.89 -10.12
N CYS A 424 -2.91 -23.27 -9.10
CA CYS A 424 -1.46 -23.15 -8.98
C CYS A 424 -0.91 -24.52 -8.58
N LEU A 425 0.40 -24.66 -8.58
CA LEU A 425 0.99 -25.98 -8.39
C LEU A 425 0.90 -26.44 -6.94
N HIS A 426 0.51 -25.55 -6.05
CA HIS A 426 0.22 -25.98 -4.67
C HIS A 426 -1.11 -26.70 -4.55
N HIS A 427 -1.99 -26.54 -5.52
CA HIS A 427 -3.34 -27.07 -5.36
C HIS A 427 -3.79 -27.95 -6.52
N VAL A 428 -2.86 -28.76 -7.02
CA VAL A 428 -3.17 -29.71 -8.08
C VAL A 428 -4.41 -30.58 -7.77
N LYS A 429 -4.59 -30.94 -6.50
CA LYS A 429 -5.72 -31.81 -6.12
C LYS A 429 -7.06 -31.09 -6.06
N GLU A 430 -7.09 -29.78 -6.29
CA GLU A 430 -8.30 -29.01 -6.08
C GLU A 430 -8.99 -28.57 -7.37
N LEU A 431 -8.55 -29.09 -8.50
CA LEU A 431 -9.10 -28.64 -9.78
C LEU A 431 -10.35 -29.42 -10.19
N CYS A 432 -10.26 -30.75 -10.19
CA CYS A 432 -11.41 -31.59 -10.56
C CYS A 432 -11.15 -33.04 -10.17
N SER A 433 -12.14 -33.90 -10.44
CA SER A 433 -12.05 -35.29 -10.01
C SER A 433 -11.33 -36.19 -11.02
N CYS A 434 -10.96 -35.64 -12.18
CA CYS A 434 -10.25 -36.43 -13.20
C CYS A 434 -8.89 -36.88 -12.69
N PRO A 435 -8.42 -38.05 -13.15
CA PRO A 435 -7.06 -38.45 -12.80
C PRO A 435 -6.05 -37.46 -13.36
N PRO A 436 -4.92 -37.26 -12.66
CA PRO A 436 -3.86 -36.33 -13.05
C PRO A 436 -3.31 -36.52 -14.46
N TYR A 437 -3.39 -37.72 -15.06
CA TYR A 437 -2.85 -37.86 -16.42
C TYR A 437 -3.69 -37.09 -17.44
N LYS A 438 -4.89 -36.68 -17.05
CA LYS A 438 -5.72 -35.83 -17.91
C LYS A 438 -5.32 -34.34 -17.87
N TYR A 439 -4.47 -33.98 -16.91
CA TYR A 439 -4.10 -32.58 -16.67
C TYR A 439 -2.99 -32.11 -17.61
N LYS A 440 -2.85 -30.80 -17.77
CA LYS A 440 -1.70 -30.23 -18.45
C LYS A 440 -0.98 -29.29 -17.51
N LEU A 441 0.34 -29.37 -17.45
CA LEU A 441 1.11 -28.29 -16.86
C LEU A 441 1.26 -27.14 -17.87
N ARG A 442 0.68 -26.00 -17.54
CA ARG A 442 0.86 -24.78 -18.32
CA ARG A 442 0.87 -24.80 -18.34
C ARG A 442 1.94 -23.96 -17.68
N TYR A 443 2.95 -23.58 -18.45
CA TYR A 443 4.11 -22.89 -17.87
C TYR A 443 4.55 -21.73 -18.74
N ARG A 444 5.05 -20.66 -18.12
CA ARG A 444 5.49 -19.51 -18.90
C ARG A 444 6.86 -19.75 -19.51
N TYR A 445 7.73 -20.40 -18.73
CA TYR A 445 9.13 -20.60 -19.12
C TYR A 445 9.59 -22.00 -18.77
N THR A 446 10.47 -22.58 -19.58
CA THR A 446 11.18 -23.77 -19.14
C THR A 446 12.24 -23.31 -18.15
N LEU A 447 12.70 -24.20 -17.28
CA LEU A 447 13.85 -23.89 -16.43
C LEU A 447 15.03 -23.42 -17.27
N ASP A 448 15.22 -24.05 -18.43
CA ASP A 448 16.29 -23.66 -19.34
C ASP A 448 16.14 -22.24 -19.90
N ASP A 449 14.92 -21.73 -20.04
CA ASP A 449 14.68 -20.34 -20.42
C ASP A 449 15.13 -19.40 -19.28
N LEU A 450 14.91 -19.84 -18.05
CA LEU A 450 15.02 -18.97 -16.88
C LEU A 450 16.45 -18.68 -16.46
N TYR A 451 17.31 -19.69 -16.52
CA TYR A 451 18.69 -19.49 -16.08
C TYR A 451 19.45 -18.41 -16.89
N PRO A 452 19.27 -18.36 -18.23
CA PRO A 452 19.89 -17.23 -18.96
C PRO A 452 19.32 -15.87 -18.58
N MET A 453 18.03 -15.80 -18.24
CA MET A 453 17.42 -14.55 -17.81
C MET A 453 18.10 -14.08 -16.55
N MET A 454 18.31 -15.00 -15.62
CA MET A 454 18.98 -14.65 -14.39
C MET A 454 20.45 -14.26 -14.65
N ASN A 455 21.07 -14.92 -15.63
N ASN A 455 21.07 -14.90 -15.64
CA ASN A 455 22.45 -14.60 -16.00
CA ASN A 455 22.46 -14.59 -15.97
C ASN A 455 22.62 -13.17 -16.50
C ASN A 455 22.64 -13.18 -16.53
N ALA A 456 21.63 -12.66 -17.21
CA ALA A 456 21.70 -11.30 -17.73
C ALA A 456 21.74 -10.30 -16.58
N LEU A 457 20.93 -10.55 -15.56
CA LEU A 457 20.96 -9.73 -14.35
C LEU A 457 22.33 -9.75 -13.70
N LYS A 458 22.92 -10.93 -13.64
CA LYS A 458 24.25 -11.11 -13.03
C LYS A 458 25.30 -10.29 -13.78
N LEU A 459 25.29 -10.37 -15.11
CA LEU A 459 26.19 -9.57 -15.93
C LEU A 459 25.99 -8.07 -15.69
N ARG A 460 24.73 -7.63 -15.66
CA ARG A 460 24.44 -6.23 -15.41
C ARG A 460 24.92 -5.83 -14.01
N ALA A 461 24.67 -6.70 -13.03
CA ALA A 461 25.03 -6.41 -11.64
C ALA A 461 26.53 -6.29 -11.42
N GLU A 462 27.32 -7.12 -12.11
CA GLU A 462 28.76 -7.18 -11.87
C GLU A 462 29.56 -6.22 -12.74
N SER A 463 28.87 -5.50 -13.61
CA SER A 463 29.50 -4.58 -14.56
C SER A 463 30.10 -3.36 -13.87
ZN ZN B . -3.40 -22.18 -5.34
ZN ZN C . -10.99 -32.73 -15.06
C1 LMR D . -4.14 5.75 4.56
O1A LMR D . -3.09 5.20 4.82
O1B LMR D . -5.10 5.23 3.83
C2 LMR D . -4.45 7.14 5.08
O2 LMR D . -3.29 7.73 5.65
C3 LMR D . -4.93 8.04 3.94
C4 LMR D . -5.53 9.28 4.50
O4A LMR D . -4.96 10.37 4.55
O4B LMR D . -6.75 9.09 4.95
MN MN E . -2.13 3.38 4.32
N1 EPE F . -5.82 -9.24 6.80
C2 EPE F . -7.22 -9.38 6.32
C3 EPE F . -8.23 -9.20 7.47
N4 EPE F . -7.90 -8.05 8.30
C5 EPE F . -6.52 -7.83 8.67
C6 EPE F . -5.63 -7.93 7.43
C7 EPE F . -8.94 -7.34 9.02
C8 EPE F . -8.54 -5.88 9.22
O8 EPE F . -9.22 -5.36 10.34
C9 EPE F . -4.91 -9.33 5.65
C10 EPE F . -3.48 -9.63 6.11
S EPE F . -2.33 -9.54 4.72
O1S EPE F . -0.96 -9.69 5.15
O2S EPE F . -2.52 -8.27 4.03
O3S EPE F . -2.67 -10.67 3.85
C1 EDO G . -11.18 13.30 -3.36
O1 EDO G . -10.54 13.55 -2.10
C2 EDO G . -10.22 13.72 -4.46
O2 EDO G . -10.83 13.48 -5.74
C1 EDO H . 7.91 -28.76 -18.11
O1 EDO H . 8.48 -27.83 -17.16
C2 EDO H . 8.31 -28.29 -19.50
O2 EDO H . 9.64 -27.75 -19.42
C1 EDO I . 6.14 -19.33 -7.05
O1 EDO I . 7.01 -18.20 -7.05
C2 EDO I . 7.03 -20.57 -7.05
O2 EDO I . 8.11 -20.32 -7.97
C1 EDO J . 3.85 1.76 22.78
O1 EDO J . 4.09 1.56 24.18
C2 EDO J . 5.20 1.70 22.08
O2 EDO J . 6.16 0.98 22.87
C1 EDO K . -9.01 -19.76 -13.44
O1 EDO K . -9.35 -20.47 -12.23
C2 EDO K . -9.84 -18.47 -13.59
O2 EDO K . -9.33 -17.42 -12.76
C1 EDO L . 7.64 -7.43 8.47
O1 EDO L . 8.56 -7.43 9.57
C2 EDO L . 7.62 -8.79 7.79
O2 EDO L . 6.72 -9.67 8.49
C1 EDO M . 4.81 -31.91 -16.56
O1 EDO M . 4.75 -32.47 -15.23
C2 EDO M . 6.09 -32.35 -17.27
O2 EDO M . 5.95 -33.71 -17.73
C1 EDO N . -2.99 -12.03 26.07
O1 EDO N . -4.34 -11.57 26.22
C2 EDO N . -2.23 -11.08 25.15
O2 EDO N . -1.96 -9.86 25.87
C1 EDO O . -10.28 10.99 5.85
O1 EDO O . -10.82 9.73 5.45
C2 EDO O . -10.14 12.00 4.71
O2 EDO O . -9.57 11.43 3.53
CL CL P . -19.90 6.08 18.85
P PO4 Q . -4.79 -24.87 1.65
O1 PO4 Q . -4.82 -25.42 3.05
O2 PO4 Q . -3.51 -25.31 0.95
O3 PO4 Q . -5.99 -25.38 0.89
O4 PO4 Q . -4.89 -23.36 1.68
#